data_8OYQ
#
_entry.id   8OYQ
#
_cell.length_a   40.962
_cell.length_b   59.201
_cell.length_c   66.259
_cell.angle_alpha   90.000
_cell.angle_beta   97.162
_cell.angle_gamma   90.000
#
_symmetry.space_group_name_H-M   'P 1 21 1'
#
loop_
_entity.id
_entity.type
_entity.pdbx_description
1 polymer 'Chemotaxis protein CheA'
2 non-polymer quinazolin-2-amine
3 water water
#
_entity_poly.entity_id   1
_entity_poly.type   'polypeptide(L)'
_entity_poly.pdbx_seq_one_letter_code
;GSHMVPISFVFNRFPRMVRDLAKKMNKEVNFIMRGEDTELDRTFVEEIGEPLLHLLRNAIDHGIEPKEERIAKGKPPIGT
LILSARHEGNNVVIEVEDDGRGIDKEKIIRKAIEKGLIDESKAATLSDQEILNFLFVPGFSTKEKVSEVSGRGVGMDVVK
NVVESLNGSISIESEKDKGTKVTIRLPLT
;
_entity_poly.pdbx_strand_id   B,A
#
loop_
_chem_comp.id
_chem_comp.type
_chem_comp.name
_chem_comp.formula
W6T non-polymer quinazolin-2-amine 'C8 H7 N3'
#
# COMPACT_ATOMS: atom_id res chain seq x y z
N VAL A 5 -9.94 -6.80 7.65
CA VAL A 5 -10.55 -5.48 8.00
C VAL A 5 -11.77 -5.26 7.12
N PRO A 6 -12.66 -4.34 7.52
CA PRO A 6 -13.63 -3.82 6.57
C PRO A 6 -12.82 -3.07 5.51
N ILE A 7 -13.37 -3.07 4.29
CA ILE A 7 -12.65 -2.45 3.19
C ILE A 7 -12.76 -0.93 3.28
N SER A 8 -13.62 -0.45 4.17
CA SER A 8 -13.72 0.94 4.56
C SER A 8 -12.38 1.56 4.91
N PHE A 9 -11.40 0.78 5.39
CA PHE A 9 -10.08 1.33 5.70
C PHE A 9 -9.40 1.86 4.42
N VAL A 10 -9.74 1.26 3.27
CA VAL A 10 -9.29 1.69 1.97
C VAL A 10 -10.32 2.70 1.43
N PHE A 11 -11.60 2.33 1.44
CA PHE A 11 -12.59 3.12 0.72
C PHE A 11 -12.78 4.50 1.36
N ASN A 12 -12.46 4.67 2.66
CA ASN A 12 -12.70 5.97 3.30
C ASN A 12 -11.71 7.02 2.83
N ARG A 13 -10.64 6.63 2.16
CA ARG A 13 -9.71 7.61 1.63
C ARG A 13 -10.25 8.21 0.31
N PHE A 14 -11.17 7.54 -0.38
CA PHE A 14 -11.46 7.86 -1.76
C PHE A 14 -12.29 9.12 -1.92
N PRO A 15 -13.30 9.43 -1.10
CA PRO A 15 -14.04 10.69 -1.38
C PRO A 15 -13.10 11.89 -1.45
N ARG A 16 -12.07 11.97 -0.59
CA ARG A 16 -11.12 13.05 -0.72
C ARG A 16 -10.35 13.05 -2.02
N MET A 17 -9.87 11.86 -2.43
CA MET A 17 -9.08 11.75 -3.63
C MET A 17 -9.92 12.07 -4.88
N VAL A 18 -11.17 11.59 -4.87
CA VAL A 18 -12.12 11.83 -5.93
C VAL A 18 -12.49 13.33 -5.94
N ARG A 19 -12.99 13.97 -4.94
CA ARG A 19 -13.22 15.43 -5.15
C ARG A 19 -11.95 16.11 -5.68
N ASP A 20 -10.71 15.76 -5.04
CA ASP A 20 -9.49 16.52 -5.45
C ASP A 20 -9.23 16.39 -6.95
N LEU A 21 -9.45 15.18 -7.49
CA LEU A 21 -9.17 14.93 -8.89
C LEU A 21 -10.24 15.59 -9.74
N ALA A 22 -11.48 15.58 -9.22
CA ALA A 22 -12.56 16.23 -9.97
C ALA A 22 -12.32 17.74 -10.11
N LYS A 23 -11.84 18.36 -9.05
CA LYS A 23 -11.59 19.81 -9.06
C LYS A 23 -10.47 20.13 -10.05
N LYS A 24 -9.39 19.37 -9.96
CA LYS A 24 -8.24 19.49 -10.88
C LYS A 24 -8.63 19.35 -12.34
N MET A 25 -9.58 18.47 -12.65
CA MET A 25 -9.95 18.11 -14.00
C MET A 25 -11.15 18.91 -14.52
N ASN A 26 -11.74 19.82 -13.71
CA ASN A 26 -13.02 20.45 -13.99
C ASN A 26 -14.10 19.45 -14.41
N LYS A 27 -14.25 18.41 -13.59
CA LYS A 27 -15.34 17.48 -13.76
C LYS A 27 -16.19 17.58 -12.52
N GLU A 28 -17.49 17.60 -12.78
CA GLU A 28 -18.52 17.46 -11.81
C GLU A 28 -18.70 15.95 -11.69
N VAL A 29 -18.63 15.38 -10.49
CA VAL A 29 -18.73 13.93 -10.25
C VAL A 29 -19.67 13.71 -9.06
N ASN A 30 -20.60 12.77 -9.17
CA ASN A 30 -21.38 12.27 -8.07
C ASN A 30 -20.76 10.94 -7.71
N PHE A 31 -20.05 10.91 -6.57
CA PHE A 31 -19.37 9.72 -6.16
C PHE A 31 -20.16 8.97 -5.11
N ILE A 32 -20.37 7.71 -5.37
CA ILE A 32 -21.14 6.89 -4.45
C ILE A 32 -20.33 5.66 -4.09
N MET A 33 -20.25 5.34 -2.78
CA MET A 33 -19.61 4.16 -2.26
C MET A 33 -20.66 3.26 -1.63
N ARG A 34 -20.62 2.00 -2.01
CA ARG A 34 -21.51 0.96 -1.44
C ARG A 34 -20.73 -0.27 -1.00
N GLY A 35 -21.23 -1.00 0.04
CA GLY A 35 -20.58 -2.20 0.52
C GLY A 35 -19.34 -1.96 1.37
N GLU A 36 -19.16 -0.76 1.96
CA GLU A 36 -17.89 -0.41 2.59
C GLU A 36 -17.65 -1.29 3.84
N ASP A 37 -18.68 -1.99 4.32
CA ASP A 37 -18.48 -2.82 5.52
C ASP A 37 -17.93 -4.20 5.20
N THR A 38 -17.86 -4.50 3.88
CA THR A 38 -17.39 -5.77 3.41
C THR A 38 -15.99 -6.07 3.95
N GLU A 39 -15.82 -7.23 4.61
CA GLU A 39 -14.58 -7.49 5.30
C GLU A 39 -13.72 -8.41 4.47
N LEU A 40 -12.40 -8.15 4.44
CA LEU A 40 -11.51 -9.16 3.86
C LEU A 40 -10.13 -9.09 4.48
N ASP A 41 -9.31 -10.08 4.12
CA ASP A 41 -8.00 -10.30 4.72
C ASP A 41 -7.17 -9.03 4.62
N ARG A 42 -6.40 -8.77 5.68
CA ARG A 42 -5.48 -7.64 5.78
C ARG A 42 -4.54 -7.47 4.57
N THR A 43 -3.96 -8.55 4.06
CA THR A 43 -3.06 -8.42 2.91
C THR A 43 -3.76 -7.80 1.71
N PHE A 44 -5.04 -8.18 1.52
CA PHE A 44 -5.74 -7.59 0.39
C PHE A 44 -5.97 -6.10 0.66
N VAL A 45 -6.36 -5.78 1.88
CA VAL A 45 -6.67 -4.42 2.28
C VAL A 45 -5.45 -3.52 2.12
N GLU A 46 -4.27 -4.02 2.44
CA GLU A 46 -3.11 -3.14 2.37
C GLU A 46 -2.62 -3.01 0.93
N GLU A 47 -3.18 -3.76 -0.06
CA GLU A 47 -2.60 -3.76 -1.38
C GLU A 47 -3.62 -3.24 -2.43
N ILE A 48 -4.91 -3.37 -2.16
CA ILE A 48 -5.92 -3.12 -3.20
C ILE A 48 -6.16 -1.64 -3.43
N GLY A 49 -5.67 -0.83 -2.49
CA GLY A 49 -5.84 0.60 -2.62
C GLY A 49 -5.27 1.26 -3.87
N GLU A 50 -4.04 0.93 -4.22
CA GLU A 50 -3.37 1.54 -5.38
C GLU A 50 -4.10 1.22 -6.68
N PRO A 51 -4.40 -0.07 -7.02
CA PRO A 51 -5.21 -0.40 -8.18
C PRO A 51 -6.56 0.32 -8.28
N LEU A 52 -7.28 0.37 -7.17
CA LEU A 52 -8.54 1.08 -7.11
C LEU A 52 -8.35 2.57 -7.39
N LEU A 53 -7.36 3.19 -6.80
CA LEU A 53 -7.12 4.61 -7.06
C LEU A 53 -6.85 4.86 -8.55
N HIS A 54 -6.09 3.94 -9.19
CA HIS A 54 -5.88 4.03 -10.63
C HIS A 54 -7.23 3.97 -11.40
N LEU A 55 -8.10 3.03 -11.04
CA LEU A 55 -9.36 2.91 -11.77
C LEU A 55 -10.24 4.15 -11.57
N LEU A 56 -10.30 4.66 -10.32
CA LEU A 56 -11.06 5.88 -10.08
C LEU A 56 -10.50 7.07 -10.89
N ARG A 57 -9.17 7.20 -10.88
CA ARG A 57 -8.56 8.24 -11.70
C ARG A 57 -8.94 8.13 -13.19
N ASN A 58 -8.84 6.95 -13.75
CA ASN A 58 -9.25 6.68 -15.10
C ASN A 58 -10.69 7.07 -15.35
N ALA A 59 -11.59 6.75 -14.42
CA ALA A 59 -12.99 7.12 -14.60
C ALA A 59 -13.16 8.63 -14.64
N ILE A 60 -12.49 9.35 -13.76
CA ILE A 60 -12.70 10.80 -13.68
C ILE A 60 -12.01 11.54 -14.81
N ASP A 61 -10.80 11.09 -15.18
CA ASP A 61 -10.02 11.72 -16.27
C ASP A 61 -10.58 11.35 -17.65
N HIS A 62 -10.66 10.05 -17.92
CA HIS A 62 -10.93 9.56 -19.26
C HIS A 62 -12.39 9.17 -19.46
N GLY A 63 -13.14 8.97 -18.37
CA GLY A 63 -14.50 8.47 -18.56
C GLY A 63 -15.54 9.58 -18.48
N ILE A 64 -15.72 10.12 -17.29
CA ILE A 64 -16.77 11.15 -17.09
C ILE A 64 -16.41 12.33 -17.98
N GLU A 65 -17.45 12.82 -18.65
CA GLU A 65 -17.31 13.98 -19.50
C GLU A 65 -17.63 15.20 -18.66
N PRO A 66 -17.14 16.38 -19.06
CA PRO A 66 -17.59 17.62 -18.41
C PRO A 66 -19.09 17.83 -18.63
N LYS A 67 -19.67 18.47 -17.62
CA LYS A 67 -21.10 18.68 -17.59
C LYS A 67 -21.62 19.27 -18.91
N GLU A 68 -20.94 20.29 -19.51
CA GLU A 68 -21.48 20.88 -20.73
C GLU A 68 -21.61 19.84 -21.85
N GLU A 69 -20.64 18.93 -21.93
CA GLU A 69 -20.60 17.87 -22.93
C GLU A 69 -21.70 16.83 -22.68
N ARG A 70 -21.90 16.49 -21.40
CA ARG A 70 -22.96 15.55 -21.07
C ARG A 70 -24.32 16.15 -21.44
N ILE A 71 -24.59 17.42 -21.08
CA ILE A 71 -25.82 18.10 -21.45
C ILE A 71 -25.99 18.07 -22.98
N ALA A 72 -24.90 18.33 -23.71
CA ALA A 72 -24.99 18.38 -25.17
C ALA A 72 -25.30 16.99 -25.74
N LYS A 73 -24.93 15.91 -25.05
CA LYS A 73 -25.17 14.54 -25.48
C LYS A 73 -26.48 13.99 -24.91
N GLY A 74 -27.21 14.78 -24.15
CA GLY A 74 -28.49 14.34 -23.61
C GLY A 74 -28.35 13.39 -22.43
N LYS A 75 -27.23 13.50 -21.71
CA LYS A 75 -27.04 12.74 -20.49
C LYS A 75 -27.46 13.56 -19.29
N PRO A 76 -27.70 12.90 -18.14
CA PRO A 76 -27.80 13.57 -16.84
C PRO A 76 -26.53 14.40 -16.64
N PRO A 77 -26.66 15.66 -16.24
CA PRO A 77 -25.55 16.58 -16.42
C PRO A 77 -24.30 16.18 -15.66
N ILE A 78 -24.50 15.69 -14.43
CA ILE A 78 -23.38 15.33 -13.59
C ILE A 78 -23.11 13.84 -13.79
N GLY A 79 -21.86 13.49 -14.02
CA GLY A 79 -21.48 12.10 -14.16
C GLY A 79 -21.38 11.39 -12.82
N THR A 80 -21.69 10.08 -12.83
CA THR A 80 -21.73 9.28 -11.63
C THR A 80 -20.59 8.24 -11.65
N LEU A 81 -19.96 8.05 -10.49
CA LEU A 81 -18.92 7.09 -10.30
C LEU A 81 -19.35 6.28 -9.07
N ILE A 82 -19.47 4.98 -9.26
CA ILE A 82 -19.93 4.09 -8.16
C ILE A 82 -18.83 3.08 -7.85
N LEU A 83 -18.41 2.99 -6.58
CA LEU A 83 -17.42 2.06 -6.13
C LEU A 83 -18.13 1.15 -5.11
N SER A 84 -18.13 -0.14 -5.39
CA SER A 84 -18.91 -1.09 -4.61
C SER A 84 -18.05 -2.29 -4.26
N ALA A 85 -18.33 -2.91 -3.07
CA ALA A 85 -17.80 -4.20 -2.72
C ALA A 85 -18.92 -5.11 -2.19
N ARG A 86 -18.78 -6.40 -2.45
CA ARG A 86 -19.74 -7.35 -1.94
C ARG A 86 -19.09 -8.71 -1.85
N HIS A 87 -19.74 -9.58 -1.07
CA HIS A 87 -19.27 -10.97 -1.01
C HIS A 87 -19.88 -11.78 -2.14
N GLU A 88 -19.09 -12.61 -2.83
CA GLU A 88 -19.71 -13.61 -3.71
C GLU A 88 -19.12 -14.98 -3.39
N GLY A 89 -19.86 -15.78 -2.60
CA GLY A 89 -19.30 -17.01 -2.12
C GLY A 89 -18.14 -16.73 -1.18
N ASN A 90 -17.00 -17.40 -1.38
CA ASN A 90 -15.79 -17.11 -0.62
C ASN A 90 -14.90 -16.08 -1.33
N ASN A 91 -15.45 -15.42 -2.35
CA ASN A 91 -14.71 -14.31 -2.97
C ASN A 91 -15.33 -12.96 -2.59
N VAL A 92 -14.56 -11.88 -2.79
CA VAL A 92 -15.07 -10.52 -2.70
C VAL A 92 -14.99 -9.93 -4.10
N VAL A 93 -16.02 -9.19 -4.48
CA VAL A 93 -16.11 -8.57 -5.79
C VAL A 93 -16.19 -7.06 -5.56
N ILE A 94 -15.30 -6.36 -6.25
CA ILE A 94 -15.21 -4.90 -6.16
C ILE A 94 -15.41 -4.34 -7.58
N GLU A 95 -16.28 -3.38 -7.72
CA GLU A 95 -16.64 -2.84 -9.02
C GLU A 95 -16.43 -1.32 -8.97
N VAL A 96 -15.89 -0.81 -10.07
CA VAL A 96 -15.85 0.62 -10.26
C VAL A 96 -16.61 0.88 -11.55
N GLU A 97 -17.70 1.63 -11.44
CA GLU A 97 -18.58 1.85 -12.59
C GLU A 97 -18.69 3.37 -12.79
N ASP A 98 -18.67 3.81 -14.04
CA ASP A 98 -18.95 5.20 -14.36
C ASP A 98 -19.91 5.25 -15.53
N ASP A 99 -20.62 6.37 -15.66
CA ASP A 99 -21.54 6.55 -16.78
C ASP A 99 -20.99 7.59 -17.76
N GLY A 100 -19.70 7.42 -18.02
CA GLY A 100 -18.98 8.39 -18.87
C GLY A 100 -18.98 7.97 -20.34
N ARG A 101 -17.89 8.36 -21.03
CA ARG A 101 -17.89 8.23 -22.47
C ARG A 101 -17.48 6.84 -22.91
N GLY A 102 -17.01 5.98 -22.00
CA GLY A 102 -16.70 4.62 -22.34
C GLY A 102 -15.33 4.53 -23.01
N ILE A 103 -14.99 3.30 -23.36
CA ILE A 103 -13.74 3.02 -24.05
C ILE A 103 -14.10 2.83 -25.54
N ASP A 104 -13.35 3.48 -26.43
CA ASP A 104 -13.65 3.39 -27.85
C ASP A 104 -12.94 2.14 -28.42
N LYS A 105 -13.70 1.10 -28.68
CA LYS A 105 -13.19 -0.17 -29.20
C LYS A 105 -12.54 -0.04 -30.59
N GLU A 106 -13.07 0.84 -31.42
CA GLU A 106 -12.46 1.08 -32.72
C GLU A 106 -11.09 1.70 -32.57
N LYS A 107 -10.91 2.61 -31.60
CA LYS A 107 -9.60 3.19 -31.40
C LYS A 107 -8.60 2.13 -30.89
N ILE A 108 -9.09 1.25 -30.04
CA ILE A 108 -8.25 0.14 -29.59
C ILE A 108 -7.79 -0.74 -30.75
N ILE A 109 -8.73 -1.09 -31.67
CA ILE A 109 -8.34 -1.90 -32.80
C ILE A 109 -7.32 -1.16 -33.65
N ARG A 110 -7.57 0.12 -33.95
CA ARG A 110 -6.64 0.87 -34.75
C ARG A 110 -5.23 0.85 -34.18
N LYS A 111 -5.17 1.08 -32.85
CA LYS A 111 -3.89 1.09 -32.16
C LYS A 111 -3.23 -0.29 -32.25
N ALA A 112 -4.03 -1.32 -32.04
CA ALA A 112 -3.51 -2.69 -32.11
C ALA A 112 -2.88 -3.01 -33.46
N ILE A 113 -3.54 -2.56 -34.54
CA ILE A 113 -3.03 -2.76 -35.87
C ILE A 113 -1.75 -1.94 -36.07
N GLU A 114 -1.73 -0.69 -35.61
CA GLU A 114 -0.57 0.13 -35.69
C GLU A 114 0.64 -0.51 -34.96
N LYS A 115 0.38 -1.18 -33.86
CA LYS A 115 1.41 -1.82 -33.08
C LYS A 115 1.78 -3.21 -33.62
N GLY A 116 1.09 -3.65 -34.64
CA GLY A 116 1.42 -4.89 -35.29
C GLY A 116 0.90 -6.09 -34.52
N LEU A 117 -0.03 -5.89 -33.59
CA LEU A 117 -0.49 -6.98 -32.74
C LEU A 117 -1.59 -7.79 -33.40
N ILE A 118 -2.23 -7.29 -34.47
CA ILE A 118 -3.25 -7.97 -35.23
C ILE A 118 -3.40 -7.36 -36.59
N ASP A 119 -3.97 -8.07 -37.57
CA ASP A 119 -4.16 -7.50 -38.91
C ASP A 119 -5.59 -7.10 -39.05
N GLU A 120 -5.92 -6.30 -40.08
CA GLU A 120 -7.29 -5.88 -40.26
C GLU A 120 -8.24 -7.08 -40.38
N SER A 121 -7.78 -8.13 -41.06
CA SER A 121 -8.66 -9.26 -41.39
C SER A 121 -9.18 -9.92 -40.12
N LYS A 122 -8.29 -10.05 -39.14
CA LYS A 122 -8.64 -10.71 -37.89
C LYS A 122 -9.39 -9.78 -36.96
N ALA A 123 -9.20 -8.45 -37.10
CA ALA A 123 -9.89 -7.55 -36.20
C ALA A 123 -11.42 -7.59 -36.34
N ALA A 124 -11.90 -7.87 -37.53
CA ALA A 124 -13.31 -7.90 -37.90
C ALA A 124 -14.10 -8.89 -37.05
N THR A 125 -13.45 -9.95 -36.56
CA THR A 125 -14.26 -10.93 -35.85
C THR A 125 -13.99 -11.01 -34.33
N LEU A 126 -13.19 -10.08 -33.79
CA LEU A 126 -12.86 -10.09 -32.40
C LEU A 126 -14.11 -9.88 -31.59
N SER A 127 -14.14 -10.56 -30.46
CA SER A 127 -15.21 -10.28 -29.51
C SER A 127 -14.92 -8.99 -28.73
N ASP A 128 -15.95 -8.51 -28.04
CA ASP A 128 -15.81 -7.34 -27.18
C ASP A 128 -14.73 -7.54 -26.13
N GLN A 129 -14.78 -8.70 -25.46
CA GLN A 129 -13.77 -8.99 -24.46
C GLN A 129 -12.37 -9.14 -25.03
N GLU A 130 -12.26 -9.70 -26.24
CA GLU A 130 -10.92 -9.80 -26.85
C GLU A 130 -10.36 -8.41 -27.14
N ILE A 131 -11.22 -7.50 -27.59
CA ILE A 131 -10.80 -6.14 -27.89
C ILE A 131 -10.36 -5.46 -26.60
N LEU A 132 -11.20 -5.51 -25.55
CA LEU A 132 -10.85 -4.80 -24.32
C LEU A 132 -9.63 -5.37 -23.61
N ASN A 133 -9.33 -6.61 -23.85
CA ASN A 133 -8.14 -7.25 -23.28
C ASN A 133 -6.83 -6.72 -23.86
N PHE A 134 -6.86 -6.00 -24.97
CA PHE A 134 -5.66 -5.27 -25.40
C PHE A 134 -5.20 -4.24 -24.38
N LEU A 135 -6.15 -3.72 -23.57
CA LEU A 135 -5.80 -2.69 -22.59
C LEU A 135 -4.84 -3.22 -21.53
N PHE A 136 -4.82 -4.53 -21.34
CA PHE A 136 -3.94 -5.10 -20.33
C PHE A 136 -2.57 -5.45 -20.93
N VAL A 137 -2.37 -5.16 -22.22
CA VAL A 137 -1.07 -5.49 -22.82
C VAL A 137 -0.09 -4.43 -22.35
N PRO A 138 1.10 -4.78 -21.79
CA PRO A 138 2.02 -3.77 -21.27
C PRO A 138 2.44 -2.75 -22.29
N GLY A 139 2.19 -1.50 -21.94
CA GLY A 139 2.55 -0.39 -22.74
C GLY A 139 1.48 -0.06 -23.75
N PHE A 140 0.31 -0.76 -23.73
CA PHE A 140 -0.66 -0.53 -24.80
C PHE A 140 -1.21 0.90 -24.74
N SER A 141 -1.62 1.36 -23.55
CA SER A 141 -1.70 2.78 -23.14
C SER A 141 -3.12 3.16 -22.72
N GLY A 155 -0.57 2.04 -16.46
CA GLY A 155 -1.69 1.62 -17.35
C GLY A 155 -2.49 0.50 -16.70
N MET A 156 -3.44 -0.06 -17.45
CA MET A 156 -4.28 -1.17 -17.02
C MET A 156 -3.47 -2.44 -16.77
N ASP A 157 -2.30 -2.58 -17.43
CA ASP A 157 -1.35 -3.65 -17.14
C ASP A 157 -0.89 -3.63 -15.69
N VAL A 158 -0.61 -2.44 -15.15
CA VAL A 158 -0.12 -2.35 -13.77
C VAL A 158 -1.21 -2.70 -12.75
N VAL A 159 -2.42 -2.30 -13.08
CA VAL A 159 -3.58 -2.67 -12.26
C VAL A 159 -3.72 -4.19 -12.27
N LYS A 160 -3.63 -4.79 -13.46
CA LYS A 160 -3.72 -6.25 -13.57
C LYS A 160 -2.60 -6.97 -12.80
N ASN A 161 -1.38 -6.43 -12.84
CA ASN A 161 -0.22 -6.99 -12.18
C ASN A 161 -0.46 -7.09 -10.67
N VAL A 162 -1.01 -6.02 -10.09
CA VAL A 162 -1.29 -6.06 -8.67
C VAL A 162 -2.40 -7.05 -8.37
N VAL A 163 -3.48 -6.99 -9.16
CA VAL A 163 -4.59 -7.90 -8.89
C VAL A 163 -4.10 -9.36 -8.98
N GLU A 164 -3.30 -9.66 -9.98
CA GLU A 164 -2.82 -11.03 -10.20
C GLU A 164 -1.92 -11.44 -9.04
N SER A 165 -1.19 -10.45 -8.48
CA SER A 165 -0.30 -10.73 -7.36
C SER A 165 -1.12 -11.10 -6.13
N LEU A 166 -2.41 -10.71 -6.08
CA LEU A 166 -3.28 -11.07 -4.99
C LEU A 166 -4.14 -12.28 -5.38
N ASN A 167 -3.79 -12.94 -6.47
CA ASN A 167 -4.46 -14.12 -7.00
C ASN A 167 -5.88 -13.77 -7.46
N GLY A 168 -6.06 -12.54 -7.85
CA GLY A 168 -7.36 -12.05 -8.28
C GLY A 168 -7.49 -12.04 -9.79
N SER A 169 -8.69 -11.68 -10.25
CA SER A 169 -8.93 -11.51 -11.67
C SER A 169 -9.61 -10.15 -11.89
N ILE A 170 -9.45 -9.65 -13.11
CA ILE A 170 -10.06 -8.39 -13.39
C ILE A 170 -10.76 -8.49 -14.73
N SER A 171 -11.88 -7.79 -14.87
CA SER A 171 -12.51 -7.70 -16.22
C SER A 171 -13.06 -6.31 -16.42
N ILE A 172 -13.21 -6.01 -17.70
CA ILE A 172 -13.63 -4.69 -18.11
C ILE A 172 -14.82 -4.91 -19.03
N GLU A 173 -15.86 -4.09 -18.83
CA GLU A 173 -16.97 -3.97 -19.77
C GLU A 173 -17.11 -2.49 -20.07
N SER A 174 -17.34 -2.18 -21.33
CA SER A 174 -17.45 -0.76 -21.67
C SER A 174 -18.22 -0.60 -22.96
N GLU A 175 -18.96 0.47 -23.05
CA GLU A 175 -19.55 0.77 -24.33
C GLU A 175 -19.48 2.27 -24.54
N LYS A 176 -19.24 2.66 -25.80
CA LYS A 176 -19.04 4.04 -26.17
C LYS A 176 -20.31 4.78 -25.87
N ASP A 177 -20.10 5.92 -25.21
CA ASP A 177 -21.10 6.86 -24.70
C ASP A 177 -21.91 6.39 -23.50
N LYS A 178 -21.75 5.15 -23.05
CA LYS A 178 -22.61 4.62 -22.03
C LYS A 178 -21.86 4.62 -20.67
N GLY A 179 -20.62 4.16 -20.73
CA GLY A 179 -19.71 4.14 -19.57
C GLY A 179 -18.92 2.82 -19.49
N THR A 180 -18.32 2.61 -18.30
CA THR A 180 -17.35 1.56 -18.10
C THR A 180 -17.54 0.91 -16.74
N LYS A 181 -17.42 -0.39 -16.67
CA LYS A 181 -17.41 -1.13 -15.41
C LYS A 181 -16.20 -2.02 -15.35
N VAL A 182 -15.39 -1.78 -14.31
CA VAL A 182 -14.26 -2.66 -14.02
C VAL A 182 -14.60 -3.47 -12.79
N THR A 183 -14.39 -4.82 -12.90
CA THR A 183 -14.70 -5.70 -11.80
C THR A 183 -13.42 -6.43 -11.39
N ILE A 184 -13.18 -6.47 -10.08
CA ILE A 184 -12.08 -7.21 -9.48
C ILE A 184 -12.66 -8.25 -8.52
N ARG A 185 -12.25 -9.50 -8.70
CA ARG A 185 -12.67 -10.63 -7.91
C ARG A 185 -11.42 -11.06 -7.14
N LEU A 186 -11.52 -11.09 -5.82
CA LEU A 186 -10.41 -11.51 -4.95
C LEU A 186 -10.82 -12.74 -4.18
N PRO A 187 -9.84 -13.63 -3.96
CA PRO A 187 -10.08 -14.87 -3.24
C PRO A 187 -10.10 -14.61 -1.75
N LEU A 188 -10.29 -15.67 -1.00
CA LEU A 188 -10.45 -15.61 0.45
C LEU A 188 -9.08 -15.44 1.12
N THR A 189 -8.09 -16.26 0.75
CA THR A 189 -6.69 -15.99 1.03
C THR A 189 -6.53 -14.77 1.95
N VAL B 5 9.68 -9.38 35.67
CA VAL B 5 9.64 -7.93 35.40
C VAL B 5 8.68 -7.68 34.24
N PRO B 6 7.54 -6.99 34.43
CA PRO B 6 6.72 -6.70 33.26
C PRO B 6 7.42 -5.63 32.41
N ILE B 7 7.20 -5.72 31.11
CA ILE B 7 7.83 -4.79 30.18
C ILE B 7 7.15 -3.42 30.19
N SER B 8 5.99 -3.32 30.83
CA SER B 8 5.30 -2.05 31.03
C SER B 8 6.19 -1.02 31.76
N PHE B 9 7.15 -1.47 32.55
CA PHE B 9 8.07 -0.51 33.16
C PHE B 9 8.85 0.28 32.10
N VAL B 10 9.09 -0.29 30.93
CA VAL B 10 9.63 0.47 29.80
C VAL B 10 8.49 1.02 28.92
N PHE B 11 7.52 0.20 28.58
CA PHE B 11 6.57 0.60 27.55
C PHE B 11 5.81 1.85 28.00
N ASN B 12 5.49 1.95 29.30
CA ASN B 12 4.65 3.04 29.83
C ASN B 12 5.30 4.38 29.68
N ARG B 13 6.62 4.45 29.46
CA ARG B 13 7.24 5.71 29.23
C ARG B 13 7.10 6.17 27.77
N PHE B 14 6.72 5.31 26.84
CA PHE B 14 6.82 5.66 25.44
C PHE B 14 5.68 6.56 24.89
N PRO B 15 4.41 6.45 25.32
CA PRO B 15 3.37 7.26 24.64
C PRO B 15 3.66 8.75 24.62
N ARG B 16 4.17 9.29 25.74
CA ARG B 16 4.52 10.71 25.79
C ARG B 16 5.68 11.03 24.84
N MET B 17 6.67 10.14 24.75
CA MET B 17 7.82 10.36 23.92
C MET B 17 7.43 10.33 22.45
N VAL B 18 6.53 9.40 22.09
CA VAL B 18 6.06 9.24 20.74
C VAL B 18 5.23 10.45 20.34
N ARG B 19 4.34 10.88 21.21
CA ARG B 19 3.48 11.99 20.83
C ARG B 19 4.24 13.31 20.71
N ASP B 20 5.27 13.48 21.57
CA ASP B 20 6.17 14.62 21.54
C ASP B 20 6.96 14.61 20.26
N LEU B 21 7.48 13.45 19.84
CA LEU B 21 8.26 13.38 18.60
C LEU B 21 7.34 13.63 17.42
N ALA B 22 6.10 13.09 17.45
CA ALA B 22 5.20 13.21 16.32
C ALA B 22 4.79 14.69 16.16
N LYS B 23 4.61 15.40 17.25
CA LYS B 23 4.21 16.80 17.17
C LYS B 23 5.39 17.61 16.62
N LYS B 24 6.61 17.35 17.12
CA LYS B 24 7.82 18.01 16.66
C LYS B 24 8.08 17.77 15.18
N MET B 25 7.70 16.58 14.65
CA MET B 25 8.03 16.17 13.30
C MET B 25 6.84 16.46 12.37
N ASN B 26 5.76 16.98 12.93
CA ASN B 26 4.56 17.31 12.17
C ASN B 26 3.92 16.05 11.59
N LYS B 27 3.80 14.99 12.41
CA LYS B 27 3.15 13.76 11.96
C LYS B 27 1.90 13.53 12.84
N GLU B 28 0.83 12.93 12.30
CA GLU B 28 -0.32 12.45 13.08
C GLU B 28 -0.16 10.93 13.25
N VAL B 29 0.04 10.47 14.48
CA VAL B 29 0.35 9.07 14.72
C VAL B 29 -0.56 8.54 15.79
N ASN B 30 -1.21 7.41 15.49
CA ASN B 30 -1.94 6.64 16.43
C ASN B 30 -0.96 5.57 16.92
N PHE B 31 -0.57 5.74 18.20
CA PHE B 31 0.37 4.80 18.76
C PHE B 31 -0.35 3.80 19.62
N ILE B 32 -0.13 2.54 19.33
CA ILE B 32 -0.88 1.48 20.03
C ILE B 32 0.16 0.57 20.68
N MET B 33 -0.02 0.22 21.97
CA MET B 33 0.85 -0.73 22.65
C MET B 33 0.04 -1.95 22.99
N ARG B 34 0.59 -3.12 22.73
CA ARG B 34 0.00 -4.39 23.05
C ARG B 34 0.96 -5.29 23.82
N GLY B 35 0.41 -6.08 24.76
CA GLY B 35 1.22 -6.99 25.51
C GLY B 35 2.11 -6.36 26.55
N GLU B 36 1.78 -5.17 27.07
CA GLU B 36 2.61 -4.48 28.04
C GLU B 36 2.75 -5.25 29.33
N ASP B 37 1.88 -6.22 29.60
CA ASP B 37 2.06 -7.02 30.82
C ASP B 37 3.04 -8.18 30.71
N THR B 38 3.55 -8.42 29.52
CA THR B 38 4.48 -9.50 29.27
C THR B 38 5.71 -9.38 30.16
N GLU B 39 6.02 -10.49 30.89
CA GLU B 39 7.07 -10.45 31.86
C GLU B 39 8.29 -11.13 31.29
N LEU B 40 9.47 -10.54 31.58
CA LEU B 40 10.71 -11.20 31.32
C LEU B 40 11.75 -10.65 32.32
N ASP B 41 12.94 -11.19 32.19
CA ASP B 41 14.02 -10.94 33.14
C ASP B 41 14.26 -9.44 33.18
N ARG B 42 14.39 -8.83 34.37
CA ARG B 42 14.42 -7.39 34.43
C ARG B 42 15.68 -6.84 33.78
N THR B 43 16.73 -7.66 33.60
CA THR B 43 17.93 -7.26 32.86
C THR B 43 17.54 -6.79 31.47
N PHE B 44 16.73 -7.62 30.84
CA PHE B 44 16.30 -7.38 29.49
C PHE B 44 15.46 -6.12 29.44
N VAL B 45 14.53 -5.96 30.38
CA VAL B 45 13.66 -4.82 30.42
C VAL B 45 14.50 -3.54 30.53
N GLU B 46 15.52 -3.57 31.39
CA GLU B 46 16.40 -2.44 31.69
C GLU B 46 17.25 -2.09 30.47
N GLU B 47 17.56 -3.03 29.57
CA GLU B 47 18.50 -2.75 28.48
C GLU B 47 17.79 -2.55 27.15
N ILE B 48 16.53 -2.99 27.03
CA ILE B 48 15.89 -3.03 25.71
C ILE B 48 15.27 -1.65 25.45
N GLY B 49 15.12 -0.84 26.49
CA GLY B 49 14.43 0.45 26.32
C GLY B 49 15.10 1.42 25.34
N GLU B 50 16.42 1.59 25.37
CA GLU B 50 17.08 2.52 24.45
C GLU B 50 17.01 2.03 22.99
N PRO B 51 17.31 0.76 22.64
CA PRO B 51 17.03 0.25 21.30
C PRO B 51 15.58 0.39 20.82
N LEU B 52 14.62 0.12 21.70
CA LEU B 52 13.21 0.31 21.31
C LEU B 52 12.95 1.80 20.98
N LEU B 53 13.46 2.68 21.80
CA LEU B 53 13.27 4.12 21.55
C LEU B 53 13.77 4.48 20.18
N HIS B 54 14.93 3.96 19.79
CA HIS B 54 15.47 4.23 18.46
C HIS B 54 14.55 3.71 17.37
N LEU B 55 14.02 2.48 17.48
CA LEU B 55 13.13 1.93 16.49
C LEU B 55 11.86 2.77 16.40
N LEU B 56 11.35 3.23 17.57
CA LEU B 56 10.13 4.02 17.50
C LEU B 56 10.41 5.38 16.85
N ARG B 57 11.52 5.99 17.21
CA ARG B 57 11.95 7.21 16.53
C ARG B 57 12.10 7.04 15.03
N ASN B 58 12.77 5.96 14.61
CA ASN B 58 12.86 5.64 13.19
C ASN B 58 11.51 5.65 12.51
N ALA B 59 10.56 4.95 13.13
CA ALA B 59 9.23 4.81 12.56
C ALA B 59 8.56 6.16 12.43
N ILE B 60 8.65 7.01 13.42
CA ILE B 60 7.99 8.33 13.36
C ILE B 60 8.68 9.27 12.36
N ASP B 61 10.01 9.27 12.39
CA ASP B 61 10.80 10.23 11.60
C ASP B 61 10.95 9.80 10.13
N HIS B 62 11.37 8.57 9.88
CA HIS B 62 11.66 8.08 8.57
C HIS B 62 10.56 7.26 7.95
N GLY B 63 9.65 6.68 8.77
CA GLY B 63 8.59 5.83 8.29
C GLY B 63 7.31 6.61 7.99
N ILE B 64 6.60 7.00 9.06
CA ILE B 64 5.30 7.66 8.87
C ILE B 64 5.57 8.97 8.15
N GLU B 65 4.74 9.21 7.13
CA GLU B 65 4.86 10.40 6.31
C GLU B 65 4.06 11.50 6.96
N PRO B 66 4.39 12.77 6.70
CA PRO B 66 3.56 13.89 7.18
C PRO B 66 2.21 13.83 6.54
N LYS B 67 1.18 14.31 7.23
CA LYS B 67 -0.17 14.22 6.77
C LYS B 67 -0.33 14.62 5.30
N GLU B 68 0.27 15.75 4.84
CA GLU B 68 0.07 16.18 3.47
C GLU B 68 0.53 15.09 2.51
N GLU B 69 1.62 14.42 2.83
CA GLU B 69 2.21 13.39 1.98
C GLU B 69 1.39 12.08 2.03
N ARG B 70 0.84 11.76 3.20
CA ARG B 70 -0.12 10.65 3.32
C ARG B 70 -1.33 10.89 2.44
N ILE B 71 -1.92 12.08 2.52
CA ILE B 71 -3.06 12.43 1.66
C ILE B 71 -2.70 12.33 0.19
N ALA B 72 -1.54 12.87 -0.21
CA ALA B 72 -1.11 12.91 -1.59
C ALA B 72 -0.97 11.48 -2.15
N LYS B 73 -0.63 10.52 -1.32
CA LYS B 73 -0.44 9.13 -1.73
C LYS B 73 -1.73 8.31 -1.57
N GLY B 74 -2.78 8.93 -1.03
CA GLY B 74 -4.04 8.22 -0.84
C GLY B 74 -4.00 7.26 0.33
N LYS B 75 -3.15 7.56 1.33
CA LYS B 75 -3.14 6.86 2.57
C LYS B 75 -3.98 7.59 3.62
N PRO B 76 -4.44 6.89 4.66
CA PRO B 76 -5.16 7.55 5.77
C PRO B 76 -4.23 8.63 6.34
N PRO B 77 -4.73 9.78 6.66
CA PRO B 77 -3.89 10.87 7.15
C PRO B 77 -3.17 10.57 8.46
N ILE B 78 -3.82 9.79 9.34
CA ILE B 78 -3.27 9.32 10.58
C ILE B 78 -2.43 8.07 10.33
N GLY B 79 -1.17 8.12 10.69
CA GLY B 79 -0.29 6.94 10.65
C GLY B 79 -0.47 6.06 11.87
N THR B 80 -0.15 4.78 11.76
CA THR B 80 -0.26 3.83 12.85
C THR B 80 1.12 3.30 13.21
N LEU B 81 1.39 3.26 14.50
CA LEU B 81 2.61 2.73 15.03
C LEU B 81 2.21 1.76 16.14
N ILE B 82 2.66 0.49 16.05
CA ILE B 82 2.25 -0.51 17.00
C ILE B 82 3.54 -1.03 17.67
N LEU B 83 3.55 -1.02 18.99
CA LEU B 83 4.62 -1.67 19.73
C LEU B 83 4.03 -2.82 20.52
N SER B 84 4.52 -4.04 20.31
CA SER B 84 3.92 -5.19 20.94
C SER B 84 4.98 -6.08 21.55
N ALA B 85 4.61 -6.77 22.64
CA ALA B 85 5.42 -7.85 23.20
C ALA B 85 4.47 -9.05 23.40
N ARG B 86 5.01 -10.25 23.24
CA ARG B 86 4.25 -11.44 23.51
C ARG B 86 5.23 -12.57 23.81
N HIS B 87 4.70 -13.61 24.44
CA HIS B 87 5.49 -14.82 24.61
C HIS B 87 5.39 -15.72 23.38
N GLU B 88 6.48 -16.34 23.00
CA GLU B 88 6.47 -17.42 22.03
C GLU B 88 7.37 -18.49 22.61
N GLY B 89 6.74 -19.55 23.15
CA GLY B 89 7.53 -20.56 23.83
C GLY B 89 8.23 -19.92 25.02
N ASN B 90 9.53 -20.13 25.17
CA ASN B 90 10.27 -19.56 26.29
C ASN B 90 11.07 -18.35 25.75
N ASN B 91 10.61 -17.79 24.61
CA ASN B 91 11.14 -16.51 24.15
C ASN B 91 10.07 -15.44 24.36
N VAL B 92 10.50 -14.17 24.29
CA VAL B 92 9.62 -13.04 24.15
C VAL B 92 9.90 -12.40 22.80
N VAL B 93 8.85 -11.99 22.10
CA VAL B 93 8.98 -11.35 20.81
C VAL B 93 8.39 -9.95 20.94
N ILE B 94 9.18 -8.96 20.50
CA ILE B 94 8.80 -7.56 20.60
C ILE B 94 8.86 -7.01 19.16
N GLU B 95 7.78 -6.37 18.74
CA GLU B 95 7.61 -5.92 17.38
C GLU B 95 7.35 -4.41 17.40
N VAL B 96 7.92 -3.74 16.42
CA VAL B 96 7.63 -2.35 16.18
C VAL B 96 7.18 -2.29 14.74
N GLU B 97 5.92 -1.87 14.50
CA GLU B 97 5.35 -1.88 13.18
C GLU B 97 4.82 -0.49 12.89
N ASP B 98 5.06 -0.03 11.67
CA ASP B 98 4.47 1.23 11.20
C ASP B 98 3.89 1.03 9.81
N ASP B 99 2.92 1.91 9.43
CA ASP B 99 2.35 1.87 8.08
C ASP B 99 2.88 3.04 7.23
N GLY B 100 4.17 3.30 7.38
CA GLY B 100 4.86 4.41 6.75
C GLY B 100 5.33 4.07 5.35
N ARG B 101 6.37 4.82 4.91
CA ARG B 101 6.84 4.76 3.56
C ARG B 101 7.70 3.54 3.27
N GLY B 102 8.07 2.79 4.31
CA GLY B 102 8.88 1.63 4.08
C GLY B 102 10.36 1.98 3.91
N ILE B 103 11.15 0.93 3.78
CA ILE B 103 12.56 1.06 3.52
C ILE B 103 12.75 0.78 2.05
N ASP B 104 13.54 1.61 1.36
CA ASP B 104 13.71 1.43 -0.08
C ASP B 104 14.88 0.47 -0.32
N LYS B 105 14.61 -0.81 -0.59
CA LYS B 105 15.64 -1.80 -0.77
C LYS B 105 16.53 -1.44 -1.97
N GLU B 106 15.94 -0.75 -2.99
CA GLU B 106 16.79 -0.38 -4.13
C GLU B 106 17.87 0.59 -3.68
N LYS B 107 17.50 1.57 -2.86
CA LYS B 107 18.47 2.51 -2.33
C LYS B 107 19.54 1.81 -1.48
N ILE B 108 19.13 0.84 -0.67
CA ILE B 108 20.10 0.05 0.08
C ILE B 108 21.11 -0.63 -0.83
N ILE B 109 20.64 -1.29 -1.91
CA ILE B 109 21.55 -1.92 -2.85
C ILE B 109 22.47 -0.88 -3.47
N ARG B 110 21.92 0.25 -3.91
CA ARG B 110 22.75 1.30 -4.50
C ARG B 110 23.87 1.72 -3.56
N LYS B 111 23.52 1.98 -2.32
CA LYS B 111 24.53 2.37 -1.34
C LYS B 111 25.58 1.28 -1.11
N ALA B 112 25.17 0.01 -1.00
CA ALA B 112 26.11 -1.10 -0.82
C ALA B 112 27.08 -1.28 -1.97
N ILE B 113 26.60 -1.02 -3.19
CA ILE B 113 27.50 -0.99 -4.31
C ILE B 113 28.45 0.22 -4.21
N GLU B 114 27.93 1.38 -3.89
CA GLU B 114 28.73 2.58 -3.78
C GLU B 114 29.88 2.36 -2.78
N LYS B 115 29.58 1.71 -1.67
CA LYS B 115 30.53 1.61 -0.57
C LYS B 115 31.46 0.42 -0.80
N GLY B 116 31.22 -0.36 -1.86
CA GLY B 116 32.11 -1.40 -2.27
C GLY B 116 31.88 -2.63 -1.41
N LEU B 117 30.68 -2.76 -0.84
CA LEU B 117 30.39 -3.94 -0.05
C LEU B 117 29.94 -5.12 -0.93
N ILE B 118 29.42 -4.81 -2.12
CA ILE B 118 28.98 -5.78 -3.07
C ILE B 118 29.11 -5.24 -4.47
N ASP B 119 29.24 -6.15 -5.42
CA ASP B 119 29.37 -5.75 -6.80
C ASP B 119 28.00 -5.95 -7.42
N GLU B 120 27.78 -5.17 -8.45
CA GLU B 120 26.48 -5.03 -9.06
C GLU B 120 25.94 -6.37 -9.57
N SER B 121 26.81 -7.29 -9.98
CA SER B 121 26.34 -8.49 -10.66
C SER B 121 25.48 -9.36 -9.73
N LYS B 122 25.76 -9.33 -8.43
CA LYS B 122 25.00 -10.09 -7.43
C LYS B 122 23.66 -9.45 -7.01
N ALA B 123 23.46 -8.18 -7.30
CA ALA B 123 22.37 -7.47 -6.68
C ALA B 123 21.00 -7.98 -7.16
N ALA B 124 20.95 -8.48 -8.42
CA ALA B 124 19.70 -8.89 -9.06
C ALA B 124 19.04 -10.02 -8.28
N THR B 125 19.82 -10.84 -7.58
CA THR B 125 19.19 -12.01 -6.97
C THR B 125 19.20 -12.00 -5.43
N LEU B 126 19.61 -10.87 -4.79
CA LEU B 126 19.87 -10.87 -3.34
C LEU B 126 18.56 -11.12 -2.59
N SER B 127 18.56 -11.87 -1.49
CA SER B 127 17.31 -12.02 -0.72
C SER B 127 16.93 -10.70 -0.02
N ASP B 128 15.63 -10.51 0.17
CA ASP B 128 15.12 -9.35 0.87
C ASP B 128 15.76 -9.23 2.25
N GLN B 129 15.97 -10.33 2.97
CA GLN B 129 16.52 -10.22 4.31
C GLN B 129 17.99 -9.85 4.26
N GLU B 130 18.69 -10.36 3.26
CA GLU B 130 20.09 -10.04 3.03
C GLU B 130 20.26 -8.55 2.73
N ILE B 131 19.32 -7.98 1.98
CA ILE B 131 19.35 -6.56 1.64
C ILE B 131 19.09 -5.76 2.91
N LEU B 132 18.04 -6.11 3.66
CA LEU B 132 17.69 -5.30 4.84
C LEU B 132 18.77 -5.36 5.91
N ASN B 133 19.48 -6.43 5.96
CA ASN B 133 20.57 -6.60 6.92
C ASN B 133 21.74 -5.63 6.71
N PHE B 134 21.88 -5.02 5.53
CA PHE B 134 22.91 -3.97 5.43
C PHE B 134 22.64 -2.83 6.42
N LEU B 135 21.40 -2.64 6.86
CA LEU B 135 21.11 -1.50 7.73
C LEU B 135 21.82 -1.64 9.07
N PHE B 136 22.28 -2.84 9.35
CA PHE B 136 22.96 -3.04 10.64
C PHE B 136 24.46 -2.76 10.51
N VAL B 137 24.90 -2.53 9.28
CA VAL B 137 26.35 -2.32 9.07
C VAL B 137 26.75 -0.92 9.51
N PRO B 138 27.79 -0.76 10.37
CA PRO B 138 28.13 0.56 10.86
C PRO B 138 28.45 1.59 9.78
N GLY B 139 27.84 2.75 9.94
CA GLY B 139 28.07 3.88 9.08
C GLY B 139 27.19 3.79 7.84
N PHE B 140 26.21 2.86 7.85
CA PHE B 140 25.51 2.57 6.60
C PHE B 140 24.58 3.71 6.24
N SER B 141 23.81 4.18 7.22
CA SER B 141 22.89 5.28 7.00
C SER B 141 23.66 6.57 6.71
N GLY B 153 21.26 10.18 18.06
CA GLY B 153 20.70 8.82 17.90
C GLY B 153 21.79 7.73 18.00
N VAL B 154 21.39 6.57 18.56
CA VAL B 154 22.13 5.33 18.33
C VAL B 154 21.69 4.88 16.94
N GLY B 155 22.58 4.29 16.15
CA GLY B 155 22.22 3.69 14.87
C GLY B 155 21.68 2.28 15.00
N MET B 156 21.25 1.71 13.87
CA MET B 156 20.76 0.35 13.77
C MET B 156 21.81 -0.70 14.11
N ASP B 157 23.10 -0.38 13.86
CA ASP B 157 24.23 -1.26 14.24
C ASP B 157 24.22 -1.48 15.76
N VAL B 158 24.07 -0.38 16.51
CA VAL B 158 24.09 -0.46 17.97
C VAL B 158 22.85 -1.19 18.47
N VAL B 159 21.69 -1.00 17.83
CA VAL B 159 20.49 -1.72 18.18
C VAL B 159 20.76 -3.24 18.06
N LYS B 160 21.38 -3.66 16.93
CA LYS B 160 21.73 -5.07 16.74
C LYS B 160 22.71 -5.54 17.83
N ASN B 161 23.70 -4.67 18.12
CA ASN B 161 24.73 -5.03 19.10
C ASN B 161 24.13 -5.24 20.48
N VAL B 162 23.16 -4.40 20.89
CA VAL B 162 22.55 -4.59 22.19
C VAL B 162 21.73 -5.86 22.19
N VAL B 163 20.98 -6.12 21.12
CA VAL B 163 20.15 -7.32 21.09
C VAL B 163 21.05 -8.55 21.16
N GLU B 164 22.10 -8.59 20.39
CA GLU B 164 23.07 -9.69 20.41
C GLU B 164 23.69 -9.87 21.80
N SER B 165 23.98 -8.77 22.49
CA SER B 165 24.47 -8.82 23.86
C SER B 165 23.48 -9.47 24.82
N LEU B 166 22.19 -9.47 24.49
CA LEU B 166 21.16 -10.08 25.34
C LEU B 166 20.84 -11.50 24.84
N ASN B 167 21.63 -12.04 23.92
CA ASN B 167 21.44 -13.36 23.34
C ASN B 167 20.20 -13.37 22.47
N GLY B 168 19.83 -12.19 21.94
CA GLY B 168 18.66 -12.12 21.09
C GLY B 168 18.96 -12.09 19.61
N SER B 169 17.87 -11.91 18.80
CA SER B 169 17.96 -11.84 17.36
C SER B 169 17.05 -10.73 16.89
N ILE B 170 17.41 -10.12 15.75
CA ILE B 170 16.60 -9.02 15.25
C ILE B 170 16.37 -9.22 13.76
N SER B 171 15.15 -8.90 13.25
CA SER B 171 14.92 -8.93 11.81
C SER B 171 14.04 -7.76 11.42
N ILE B 172 14.14 -7.40 10.14
CA ILE B 172 13.43 -6.27 9.57
C ILE B 172 12.66 -6.82 8.39
N GLU B 173 11.40 -6.41 8.24
CA GLU B 173 10.57 -6.70 7.06
C GLU B 173 10.03 -5.35 6.60
N SER B 174 9.95 -5.11 5.28
CA SER B 174 9.50 -3.81 4.85
C SER B 174 8.99 -3.89 3.44
N GLU B 175 8.00 -3.06 3.13
CA GLU B 175 7.54 -2.99 1.75
C GLU B 175 7.29 -1.53 1.43
N LYS B 176 7.79 -1.11 0.26
CA LYS B 176 7.75 0.30 -0.10
C LYS B 176 6.31 0.75 -0.15
N ASP B 177 6.08 1.92 0.49
CA ASP B 177 4.81 2.59 0.67
C ASP B 177 3.84 1.92 1.62
N LYS B 178 4.17 0.76 2.15
CA LYS B 178 3.22 0.07 2.97
C LYS B 178 3.66 0.12 4.43
N GLY B 179 4.97 0.00 4.69
CA GLY B 179 5.47 0.16 6.05
C GLY B 179 6.58 -0.82 6.42
N THR B 180 6.86 -0.90 7.72
CA THR B 180 8.07 -1.59 8.21
C THR B 180 7.74 -2.31 9.51
N LYS B 181 8.25 -3.54 9.68
CA LYS B 181 8.12 -4.21 10.95
C LYS B 181 9.52 -4.68 11.36
N VAL B 182 9.90 -4.29 12.55
CA VAL B 182 11.11 -4.74 13.18
C VAL B 182 10.76 -5.71 14.33
N THR B 183 11.40 -6.86 14.36
CA THR B 183 11.08 -7.93 15.31
C THR B 183 12.38 -8.25 16.10
N ILE B 184 12.23 -8.27 17.43
CA ILE B 184 13.31 -8.63 18.34
C ILE B 184 12.80 -9.86 19.12
N ARG B 185 13.58 -10.93 19.11
CA ARG B 185 13.35 -12.12 19.91
C ARG B 185 14.39 -12.17 21.02
N LEU B 186 13.94 -12.23 22.28
CA LEU B 186 14.81 -12.36 23.44
C LEU B 186 14.46 -13.68 24.12
N PRO B 187 15.41 -14.22 24.84
CA PRO B 187 15.16 -15.29 25.77
C PRO B 187 14.39 -14.69 26.96
N LEU B 188 13.62 -15.52 27.66
CA LEU B 188 12.87 -15.08 28.82
C LEU B 188 13.81 -14.81 30.00
N THR B 189 14.88 -15.63 30.02
CA THR B 189 15.85 -15.66 31.07
C THR B 189 17.26 -15.64 30.43
C4 W6T C . -10.81 5.28 -21.58
C5 W6T C . -9.57 4.74 -21.77
C6 W6T C . -9.00 3.88 -20.81
C7 W6T C . -9.57 3.69 -19.57
C8 W6T C . -10.84 4.23 -19.34
N1 W6T C . -13.30 4.38 -16.80
N2 W6T C . -13.32 5.27 -18.92
C3 W6T C . -11.47 5.04 -20.34
N3 W6T C . -11.47 3.95 -18.15
C1 W6T C . -12.67 4.57 -17.98
C2 W6T C . -12.73 5.54 -20.06
H4 W6T C . -11.22 5.79 -22.25
H5 W6T C . -9.15 4.87 -22.60
H6 W6T C . -8.12 3.56 -20.96
H7 W6T C . -9.15 3.15 -18.93
H1 W6T C . -14.10 4.71 -16.68
H2 W6T C . -12.91 3.93 -16.16
H3 W6T C . -13.17 6.09 -20.70
C4 W6T D . 13.74 4.23 6.37
C5 W6T D . 15.11 4.23 6.54
C6 W6T D . 15.67 3.68 7.70
C7 W6T D . 14.88 3.18 8.69
C8 W6T D . 13.48 3.20 8.57
N1 W6T D . 10.56 2.36 10.35
N2 W6T D . 10.77 3.21 8.23
C3 W6T D . 12.90 3.78 7.42
N3 W6T D . 12.69 2.75 9.61
C1 W6T D . 11.36 2.80 9.37
C2 W6T D . 11.53 3.75 7.30
H4 W6T D . 13.36 4.57 5.59
H5 W6T D . 15.66 4.53 5.84
H6 W6T D . 16.61 3.68 7.80
H7 W6T D . 15.27 2.86 9.49
H1 W6T D . 9.70 2.34 10.24
H2 W6T D . 10.92 2.08 11.11
H3 W6T D . 11.13 4.08 6.51
#